data_5DM0
#
_entry.id   5DM0
#
_cell.length_a   48.839
_cell.length_b   96.501
_cell.length_c   132.646
_cell.angle_alpha   90.00
_cell.angle_beta   90.00
_cell.angle_gamma   90.00
#
_symmetry.space_group_name_H-M   'P 21 21 21'
#
loop_
_entity.id
_entity.type
_entity.pdbx_description
1 polymer 'plantazolicin methyltransferase BamL'
2 non-polymer 'SULFATE ION'
3 non-polymer S-ADENOSYL-L-HOMOCYSTEINE
4 non-polymer 'ethyl 2-(2-{2-[(1S)-1-amino-4-carbamimidamidobutyl]-1,3-thiazol-4-yl}-5-methyl-1,3-oxazol-4-yl)-1,3-thiazole-4-carboxylate'
5 water water
#
_entity_poly.entity_id   1
_entity_poly.type   'polypeptide(L)'
_entity_poly.pdbx_seq_one_letter_code
;AAAEIETIVRESEANRIQAQTWFSHPEKSKVSFRYDERETSSIRSISIETFLSFYSSKFNREPYSVLDIGCGQGQVIQYL
NSRFQKIELTGIDSSAQAISSAKKLGINASFICSNAENIMQYVSKKQDIIFIHLCFGLFKNPIAIVNTLIHLLSDQSCIY
IVDLDRNSLGEGLNTAQSREEEAYLKDQYRASLTMEEFKQLLHVVTKEQHGVSFHVGNSFIGGFDETSSQFFSLMRNRNL
QDALRTSVGEQLKQSQMPALLHGWIIKNKRYT
;
_entity_poly.pdbx_strand_id   A,B
#
# COMPACT_ATOMS: atom_id res chain seq x y z
N GLU A 4 8.58 -6.33 10.50
CA GLU A 4 8.81 -7.75 10.89
C GLU A 4 7.59 -8.62 10.55
N ILE A 5 7.74 -9.50 9.55
CA ILE A 5 6.59 -10.21 8.96
C ILE A 5 5.75 -11.05 9.93
N GLU A 6 6.39 -11.81 10.80
CA GLU A 6 5.65 -12.62 11.78
C GLU A 6 4.74 -11.73 12.65
N THR A 7 5.28 -10.61 13.10
CA THR A 7 4.53 -9.63 13.88
C THR A 7 3.42 -9.00 13.03
N ILE A 8 3.77 -8.59 11.81
CA ILE A 8 2.77 -8.01 10.89
C ILE A 8 1.56 -8.95 10.73
N VAL A 9 1.85 -10.23 10.46
CA VAL A 9 0.82 -11.24 10.21
C VAL A 9 -0.04 -11.46 11.46
N ARG A 10 0.62 -11.55 12.62
CA ARG A 10 -0.10 -11.70 13.90
C ARG A 10 -1.03 -10.53 14.19
N GLU A 11 -0.53 -9.31 14.02
CA GLU A 11 -1.30 -8.11 14.31
C GLU A 11 -2.49 -7.89 13.36
N SER A 12 -2.41 -8.44 12.16
CA SER A 12 -3.51 -8.35 11.19
C SER A 12 -4.47 -9.57 11.22
N GLU A 13 -4.25 -10.48 12.16
CA GLU A 13 -5.09 -11.68 12.24
C GLU A 13 -6.59 -11.39 12.32
N ALA A 14 -6.98 -10.44 13.19
CA ALA A 14 -8.40 -10.07 13.32
C ALA A 14 -9.05 -9.66 12.00
N ASN A 15 -8.33 -8.87 11.19
CA ASN A 15 -8.81 -8.47 9.87
C ASN A 15 -9.12 -9.67 8.98
N ARG A 16 -8.23 -10.66 9.00
CA ARG A 16 -8.41 -11.87 8.19
C ARG A 16 -9.61 -12.70 8.67
N ILE A 17 -9.77 -12.79 9.99
CA ILE A 17 -10.96 -13.43 10.58
C ILE A 17 -12.25 -12.74 10.10
N GLN A 18 -12.26 -11.40 10.11
CA GLN A 18 -13.41 -10.63 9.63
C GLN A 18 -13.68 -10.82 8.14
N ALA A 19 -12.63 -10.85 7.31
CA ALA A 19 -12.82 -11.09 5.88
C ALA A 19 -13.43 -12.46 5.63
N GLN A 20 -13.02 -13.45 6.43
CA GLN A 20 -13.51 -14.82 6.25
C GLN A 20 -14.98 -14.99 6.60
N THR A 21 -15.53 -14.11 7.46
CA THR A 21 -16.98 -14.17 7.75
C THR A 21 -17.82 -14.05 6.48
N TRP A 22 -17.26 -13.42 5.44
CA TRP A 22 -17.96 -13.30 4.15
C TRP A 22 -18.10 -14.62 3.39
N PHE A 23 -17.45 -15.67 3.89
CA PHE A 23 -17.54 -17.00 3.28
C PHE A 23 -18.12 -18.04 4.23
N SER A 24 -18.30 -17.67 5.50
CA SER A 24 -18.81 -18.61 6.49
C SER A 24 -20.18 -18.23 7.04
N HIS A 25 -20.57 -16.96 6.90
CA HIS A 25 -21.87 -16.49 7.38
C HIS A 25 -22.88 -16.54 6.23
N PRO A 26 -24.08 -17.12 6.47
CA PRO A 26 -25.06 -17.38 5.41
C PRO A 26 -25.40 -16.17 4.53
N GLU A 27 -25.74 -15.05 5.14
CA GLU A 27 -26.16 -13.87 4.39
C GLU A 27 -24.99 -13.24 3.61
N LYS A 28 -23.88 -13.04 4.29
CA LYS A 28 -22.65 -12.54 3.67
C LYS A 28 -22.20 -13.39 2.49
N SER A 29 -22.32 -14.71 2.64
CA SER A 29 -21.85 -15.65 1.60
C SER A 29 -22.55 -15.47 0.27
N LYS A 30 -23.80 -15.01 0.32
CA LYS A 30 -24.56 -14.72 -0.89
C LYS A 30 -23.96 -13.51 -1.61
N VAL A 31 -23.52 -12.52 -0.83
CA VAL A 31 -22.91 -11.31 -1.39
C VAL A 31 -21.57 -11.64 -2.04
N SER A 32 -20.72 -12.34 -1.29
CA SER A 32 -19.39 -12.72 -1.78
C SER A 32 -19.44 -13.59 -3.03
N PHE A 33 -20.30 -14.61 -3.05
CA PHE A 33 -20.41 -15.46 -4.24
C PHE A 33 -20.85 -14.66 -5.47
N ARG A 34 -21.89 -13.83 -5.30
CA ARG A 34 -22.41 -13.00 -6.41
C ARG A 34 -21.34 -12.06 -6.95
N TYR A 35 -20.65 -11.36 -6.05
CA TYR A 35 -19.57 -10.48 -6.50
C TYR A 35 -18.47 -11.26 -7.22
N ASP A 36 -17.96 -12.31 -6.57
CA ASP A 36 -16.85 -13.11 -7.13
C ASP A 36 -17.16 -13.65 -8.53
N GLU A 37 -18.36 -14.21 -8.70
CA GLU A 37 -18.78 -14.73 -9.98
C GLU A 37 -18.78 -13.66 -11.08
N ARG A 38 -19.28 -12.48 -10.74
CA ARG A 38 -19.44 -11.41 -11.70
C ARG A 38 -18.12 -10.75 -12.06
N GLU A 39 -17.26 -10.52 -11.06
CA GLU A 39 -16.07 -9.67 -11.24
C GLU A 39 -14.71 -10.40 -11.28
N THR A 40 -14.67 -11.64 -10.82
CA THR A 40 -13.39 -12.37 -10.71
C THR A 40 -13.25 -13.57 -11.66
N SER A 41 -14.32 -13.87 -12.40
CA SER A 41 -14.33 -15.00 -13.35
C SER A 41 -13.39 -14.80 -14.53
N SER A 42 -13.31 -13.58 -15.03
CA SER A 42 -12.51 -13.26 -16.22
C SER A 42 -11.02 -13.56 -16.09
N ILE A 43 -10.47 -13.31 -14.90
CA ILE A 43 -9.05 -13.51 -14.65
C ILE A 43 -8.66 -14.99 -14.53
N ARG A 44 -9.65 -15.84 -14.28
CA ARG A 44 -9.41 -17.25 -13.96
C ARG A 44 -8.59 -17.95 -15.03
N SER A 45 -9.02 -17.80 -16.28
CA SER A 45 -8.31 -18.41 -17.41
C SER A 45 -6.89 -17.90 -17.49
N ILE A 46 -6.71 -16.59 -17.30
CA ILE A 46 -5.39 -15.97 -17.37
C ILE A 46 -4.46 -16.54 -16.31
N SER A 47 -4.94 -16.57 -15.06
CA SER A 47 -4.15 -17.10 -13.96
C SER A 47 -3.73 -18.56 -14.18
N ILE A 48 -4.66 -19.38 -14.64
CA ILE A 48 -4.39 -20.79 -14.90
C ILE A 48 -3.37 -20.94 -16.03
N GLU A 49 -3.61 -20.27 -17.15
CA GLU A 49 -2.69 -20.39 -18.27
C GLU A 49 -1.31 -19.82 -17.91
N THR A 50 -1.28 -18.84 -17.02
CA THR A 50 0.01 -18.35 -16.53
C THR A 50 0.82 -19.45 -15.83
N PHE A 51 0.22 -20.16 -14.87
CA PHE A 51 0.97 -21.23 -14.20
C PHE A 51 1.30 -22.43 -15.10
N LEU A 52 0.40 -22.73 -16.04
CA LEU A 52 0.66 -23.82 -17.00
C LEU A 52 1.82 -23.45 -17.92
N SER A 53 1.84 -22.21 -18.39
CA SER A 53 2.95 -21.73 -19.20
C SER A 53 4.25 -21.65 -18.40
N PHE A 54 4.18 -21.16 -17.17
CA PHE A 54 5.36 -21.14 -16.30
C PHE A 54 5.93 -22.54 -16.12
N TYR A 55 5.06 -23.49 -15.75
CA TYR A 55 5.52 -24.85 -15.52
C TYR A 55 6.21 -25.43 -16.75
N SER A 56 5.56 -25.26 -17.91
CA SER A 56 6.07 -25.75 -19.18
C SER A 56 7.41 -25.10 -19.54
N SER A 57 7.52 -23.78 -19.35
CA SER A 57 8.77 -23.07 -19.64
C SER A 57 9.91 -23.45 -18.71
N LYS A 58 9.57 -23.79 -17.47
CA LYS A 58 10.58 -24.07 -16.45
C LYS A 58 11.07 -25.52 -16.49
N PHE A 59 10.15 -26.46 -16.69
CA PHE A 59 10.45 -27.89 -16.56
C PHE A 59 10.20 -28.67 -17.84
N ASN A 60 9.66 -28.01 -18.85
CA ASN A 60 9.44 -28.59 -20.18
C ASN A 60 8.68 -29.92 -20.17
N ARG A 61 7.65 -29.97 -19.34
CA ARG A 61 6.64 -31.04 -19.37
C ARG A 61 5.37 -30.47 -18.71
N GLU A 62 4.25 -31.16 -18.87
CA GLU A 62 3.02 -30.74 -18.23
C GLU A 62 3.05 -31.19 -16.77
N PRO A 63 2.38 -30.46 -15.87
CA PRO A 63 2.33 -30.93 -14.48
C PRO A 63 1.54 -32.23 -14.38
N TYR A 64 1.95 -33.12 -13.49
CA TYR A 64 1.27 -34.38 -13.29
C TYR A 64 0.10 -34.22 -12.32
N SER A 65 0.19 -33.19 -11.48
CA SER A 65 -0.77 -32.96 -10.41
C SER A 65 -0.94 -31.49 -10.12
N VAL A 66 -2.18 -31.08 -9.82
CA VAL A 66 -2.48 -29.73 -9.39
C VAL A 66 -3.36 -29.81 -8.15
N LEU A 67 -2.96 -29.08 -7.12
CA LEU A 67 -3.73 -28.95 -5.90
C LEU A 67 -4.26 -27.52 -5.84
N ASP A 68 -5.58 -27.38 -5.75
CA ASP A 68 -6.23 -26.06 -5.75
C ASP A 68 -6.73 -25.72 -4.35
N ILE A 69 -6.08 -24.72 -3.74
CA ILE A 69 -6.36 -24.29 -2.37
C ILE A 69 -7.46 -23.22 -2.36
N GLY A 70 -8.52 -23.47 -1.59
CA GLY A 70 -9.70 -22.59 -1.57
C GLY A 70 -10.39 -22.68 -2.91
N CYS A 71 -10.69 -23.91 -3.33
CA CYS A 71 -11.12 -24.21 -4.70
C CYS A 71 -12.53 -23.75 -5.07
N GLY A 72 -13.27 -23.25 -4.07
CA GLY A 72 -14.62 -22.76 -4.28
C GLY A 72 -15.50 -23.87 -4.86
N GLN A 73 -16.27 -23.52 -5.88
CA GLN A 73 -17.24 -24.44 -6.49
C GLN A 73 -16.60 -25.30 -7.59
N GLY A 74 -15.28 -25.39 -7.59
CA GLY A 74 -14.57 -26.29 -8.49
C GLY A 74 -14.31 -25.76 -9.89
N GLN A 75 -14.54 -24.47 -10.11
CA GLN A 75 -14.39 -23.85 -11.44
C GLN A 75 -12.98 -24.03 -12.04
N VAL A 76 -11.95 -23.83 -11.22
CA VAL A 76 -10.57 -24.00 -11.68
C VAL A 76 -10.28 -25.44 -12.07
N ILE A 77 -10.69 -26.37 -11.21
CA ILE A 77 -10.51 -27.81 -11.46
C ILE A 77 -11.25 -28.24 -12.74
N GLN A 78 -12.46 -27.73 -12.93
CA GLN A 78 -13.23 -27.98 -14.15
C GLN A 78 -12.48 -27.52 -15.40
N TYR A 79 -11.91 -26.32 -15.35
CA TYR A 79 -11.10 -25.77 -16.44
C TYR A 79 -9.91 -26.68 -16.74
N LEU A 80 -9.19 -27.08 -15.70
CA LEU A 80 -8.03 -27.96 -15.85
C LEU A 80 -8.41 -29.35 -16.38
N ASN A 81 -9.56 -29.86 -15.93
CA ASN A 81 -10.06 -31.16 -16.40
C ASN A 81 -10.36 -31.19 -17.89
N SER A 82 -10.87 -30.06 -18.41
CA SER A 82 -11.18 -29.93 -19.83
C SER A 82 -9.92 -29.67 -20.65
N ARG A 83 -8.84 -29.31 -19.96
CA ARG A 83 -7.58 -28.97 -20.60
C ARG A 83 -6.71 -30.21 -20.84
N PHE A 84 -6.62 -31.09 -19.84
CA PHE A 84 -5.71 -32.24 -19.92
C PHE A 84 -6.43 -33.58 -19.96
N GLN A 85 -5.85 -34.52 -20.70
CA GLN A 85 -6.42 -35.87 -20.82
C GLN A 85 -6.23 -36.65 -19.52
N LYS A 86 -5.04 -36.54 -18.92
CA LYS A 86 -4.72 -37.19 -17.64
C LYS A 86 -3.92 -36.25 -16.73
N ILE A 87 -4.53 -35.86 -15.62
CA ILE A 87 -3.89 -35.00 -14.62
C ILE A 87 -4.58 -35.26 -13.28
N GLU A 88 -3.78 -35.38 -12.22
CA GLU A 88 -4.32 -35.65 -10.88
C GLU A 88 -4.76 -34.32 -10.28
N LEU A 89 -6.07 -34.13 -10.16
CA LEU A 89 -6.61 -32.87 -9.65
C LEU A 89 -7.21 -33.02 -8.26
N THR A 90 -6.81 -32.12 -7.35
CA THR A 90 -7.32 -32.10 -5.99
C THR A 90 -7.70 -30.66 -5.65
N GLY A 91 -8.88 -30.48 -5.07
CA GLY A 91 -9.33 -29.17 -4.61
C GLY A 91 -9.71 -29.26 -3.14
N ILE A 92 -9.36 -28.24 -2.35
CA ILE A 92 -9.74 -28.19 -0.94
C ILE A 92 -10.39 -26.83 -0.63
N ASP A 93 -11.49 -26.86 0.13
CA ASP A 93 -12.19 -25.64 0.53
C ASP A 93 -12.93 -25.91 1.82
N SER A 94 -12.95 -24.94 2.72
CA SER A 94 -13.61 -25.13 4.02
C SER A 94 -15.12 -24.90 4.00
N SER A 95 -15.66 -24.50 2.84
CA SER A 95 -17.11 -24.30 2.70
C SER A 95 -17.79 -25.58 2.21
N ALA A 96 -18.64 -26.14 3.06
CA ALA A 96 -19.38 -27.35 2.70
C ALA A 96 -20.28 -27.12 1.49
N GLN A 97 -20.94 -25.97 1.43
CA GLN A 97 -21.75 -25.63 0.25
C GLN A 97 -20.93 -25.59 -1.04
N ALA A 98 -19.73 -25.00 -0.96
CA ALA A 98 -18.86 -24.91 -2.12
C ALA A 98 -18.46 -26.30 -2.60
N ILE A 99 -18.04 -27.15 -1.67
CA ILE A 99 -17.59 -28.50 -2.03
C ILE A 99 -18.75 -29.35 -2.57
N SER A 100 -19.95 -29.20 -1.98
CA SER A 100 -21.16 -29.84 -2.55
C SER A 100 -21.35 -29.49 -4.01
N SER A 101 -21.24 -28.19 -4.32
CA SER A 101 -21.35 -27.69 -5.69
C SER A 101 -20.26 -28.26 -6.61
N ALA A 102 -19.02 -28.32 -6.11
CA ALA A 102 -17.91 -28.87 -6.89
C ALA A 102 -18.13 -30.35 -7.22
N LYS A 103 -18.60 -31.11 -6.24
CA LYS A 103 -18.88 -32.54 -6.42
C LYS A 103 -20.00 -32.83 -7.41
N LYS A 104 -20.93 -31.88 -7.56
CA LYS A 104 -22.05 -32.01 -8.51
C LYS A 104 -21.60 -31.96 -9.96
N LEU A 105 -20.40 -31.41 -10.20
CA LEU A 105 -19.85 -31.32 -11.56
C LEU A 105 -19.53 -32.70 -12.15
N GLY A 106 -19.42 -33.71 -11.28
CA GLY A 106 -19.16 -35.09 -11.69
C GLY A 106 -17.85 -35.24 -12.44
N ILE A 107 -16.81 -34.59 -11.92
CA ILE A 107 -15.50 -34.57 -12.57
C ILE A 107 -14.52 -35.51 -11.88
N ASN A 108 -13.61 -36.08 -12.67
CA ASN A 108 -12.53 -36.90 -12.14
C ASN A 108 -11.51 -36.07 -11.36
N ALA A 109 -11.81 -35.86 -10.08
CA ALA A 109 -11.02 -35.02 -9.19
C ALA A 109 -11.40 -35.33 -7.75
N SER A 110 -10.49 -35.07 -6.82
CA SER A 110 -10.78 -35.22 -5.40
C SER A 110 -11.10 -33.86 -4.82
N PHE A 111 -12.30 -33.71 -4.25
CA PHE A 111 -12.68 -32.48 -3.56
C PHE A 111 -12.81 -32.75 -2.07
N ILE A 112 -12.03 -31.99 -1.29
CA ILE A 112 -11.98 -32.14 0.16
C ILE A 112 -12.60 -30.92 0.81
N CYS A 113 -13.54 -31.12 1.74
CA CYS A 113 -14.03 -30.00 2.56
C CYS A 113 -13.32 -29.97 3.91
N SER A 114 -12.38 -29.04 4.06
CA SER A 114 -11.61 -28.86 5.29
C SER A 114 -10.88 -27.54 5.18
N ASN A 115 -10.49 -26.97 6.33
CA ASN A 115 -9.45 -25.95 6.38
C ASN A 115 -8.22 -26.45 5.63
N ALA A 116 -7.65 -25.61 4.76
CA ALA A 116 -6.46 -25.99 4.02
C ALA A 116 -5.26 -26.25 4.94
N GLU A 117 -5.28 -25.67 6.14
CA GLU A 117 -4.32 -25.96 7.21
C GLU A 117 -4.18 -27.48 7.41
N ASN A 118 -5.27 -28.20 7.21
CA ASN A 118 -5.33 -29.65 7.44
C ASN A 118 -5.01 -30.51 6.23
N ILE A 119 -4.43 -29.93 5.19
CA ILE A 119 -4.20 -30.66 3.93
C ILE A 119 -3.50 -32.01 4.11
N MET A 120 -2.54 -32.09 5.04
CA MET A 120 -1.75 -33.33 5.21
C MET A 120 -2.56 -34.51 5.71
N GLN A 121 -3.70 -34.21 6.31
CA GLN A 121 -4.60 -35.26 6.77
C GLN A 121 -5.27 -35.97 5.58
N TYR A 122 -5.19 -35.37 4.40
CA TYR A 122 -5.89 -35.89 3.21
C TYR A 122 -4.99 -36.20 2.01
N VAL A 123 -3.86 -35.50 1.91
CA VAL A 123 -2.97 -35.63 0.76
C VAL A 123 -1.54 -35.94 1.22
N SER A 124 -0.93 -36.98 0.63
CA SER A 124 0.46 -37.35 0.91
C SER A 124 1.37 -37.22 -0.30
N LYS A 125 0.82 -37.47 -1.49
CA LYS A 125 1.55 -37.36 -2.76
C LYS A 125 2.03 -35.92 -2.97
N LYS A 126 3.29 -35.77 -3.34
CA LYS A 126 3.85 -34.45 -3.64
C LYS A 126 3.18 -33.90 -4.88
N GLN A 127 2.97 -32.59 -4.91
CA GLN A 127 2.21 -31.91 -5.96
C GLN A 127 3.12 -31.07 -6.83
N ASP A 128 2.84 -31.07 -8.12
CA ASP A 128 3.63 -30.30 -9.08
C ASP A 128 3.26 -28.83 -9.05
N ILE A 129 1.96 -28.54 -8.92
CA ILE A 129 1.49 -27.17 -8.82
C ILE A 129 0.49 -27.05 -7.67
N ILE A 130 0.73 -26.06 -6.83
CA ILE A 130 -0.22 -25.71 -5.79
C ILE A 130 -0.68 -24.28 -6.05
N PHE A 131 -1.98 -24.13 -6.28
CA PHE A 131 -2.59 -22.88 -6.72
C PHE A 131 -3.41 -22.28 -5.58
N ILE A 132 -3.11 -21.03 -5.23
CA ILE A 132 -3.82 -20.35 -4.16
C ILE A 132 -4.36 -19.06 -4.77
N HIS A 133 -5.56 -19.13 -5.33
CA HIS A 133 -6.12 -18.04 -6.13
C HIS A 133 -7.19 -17.26 -5.37
N LEU A 134 -6.92 -15.97 -5.15
CA LEU A 134 -7.86 -15.04 -4.54
C LEU A 134 -8.44 -15.49 -3.19
N CYS A 135 -7.58 -16.06 -2.34
CA CYS A 135 -8.01 -16.50 -1.00
C CYS A 135 -6.97 -16.36 0.13
N PHE A 136 -5.76 -15.95 -0.20
CA PHE A 136 -4.65 -15.95 0.76
C PHE A 136 -4.98 -15.15 2.03
N GLY A 137 -5.60 -13.98 1.84
CA GLY A 137 -5.91 -13.09 2.96
C GLY A 137 -7.05 -13.59 3.84
N LEU A 138 -7.61 -14.75 3.50
CA LEU A 138 -8.66 -15.35 4.33
C LEU A 138 -8.10 -16.29 5.39
N PHE A 139 -6.85 -16.70 5.24
CA PHE A 139 -6.24 -17.66 6.14
C PHE A 139 -5.87 -17.00 7.47
N LYS A 140 -6.28 -17.63 8.56
CA LYS A 140 -5.93 -17.14 9.89
C LYS A 140 -4.42 -17.18 10.08
N ASN A 141 -3.80 -18.26 9.59
CA ASN A 141 -2.37 -18.49 9.75
C ASN A 141 -1.68 -18.67 8.39
N PRO A 142 -1.49 -17.57 7.64
CA PRO A 142 -1.01 -17.75 6.26
C PRO A 142 0.43 -18.25 6.13
N ILE A 143 1.30 -17.87 7.06
CA ILE A 143 2.68 -18.35 7.05
C ILE A 143 2.68 -19.86 7.32
N ALA A 144 1.95 -20.29 8.35
CA ALA A 144 1.86 -21.70 8.67
C ALA A 144 1.35 -22.55 7.49
N ILE A 145 0.29 -22.10 6.81
CA ILE A 145 -0.25 -22.84 5.65
C ILE A 145 0.81 -22.93 4.54
N VAL A 146 1.50 -21.83 4.27
CA VAL A 146 2.54 -21.86 3.23
C VAL A 146 3.68 -22.82 3.59
N ASN A 147 4.13 -22.78 4.85
CA ASN A 147 5.16 -23.71 5.30
C ASN A 147 4.72 -25.14 5.08
N THR A 148 3.46 -25.44 5.43
CA THR A 148 2.92 -26.78 5.21
C THR A 148 2.93 -27.15 3.74
N LEU A 149 2.46 -26.25 2.88
CA LEU A 149 2.37 -26.53 1.45
C LEU A 149 3.74 -26.72 0.80
N ILE A 150 4.75 -26.03 1.32
CA ILE A 150 6.11 -26.18 0.79
C ILE A 150 6.59 -27.64 0.96
N HIS A 151 6.18 -28.27 2.06
CA HIS A 151 6.50 -29.67 2.33
C HIS A 151 5.79 -30.65 1.38
N LEU A 152 4.72 -30.20 0.73
CA LEU A 152 3.98 -30.99 -0.23
C LEU A 152 4.46 -30.81 -1.68
N LEU A 153 5.39 -29.88 -1.90
CA LEU A 153 5.87 -29.63 -3.26
C LEU A 153 6.73 -30.78 -3.77
N SER A 154 6.56 -31.12 -5.05
CA SER A 154 7.42 -32.10 -5.70
C SER A 154 8.80 -31.52 -6.00
N ASP A 155 9.70 -32.34 -6.52
CA ASP A 155 11.06 -31.92 -6.84
C ASP A 155 11.11 -30.84 -7.94
N GLN A 156 10.06 -30.78 -8.76
CA GLN A 156 9.93 -29.74 -9.79
C GLN A 156 8.53 -29.17 -9.71
N SER A 157 8.39 -28.02 -9.07
CA SER A 157 7.06 -27.57 -8.67
C SER A 157 7.00 -26.09 -8.34
N CYS A 158 5.78 -25.59 -8.20
CA CYS A 158 5.60 -24.23 -7.72
C CYS A 158 4.29 -24.08 -6.98
N ILE A 159 4.30 -23.19 -5.99
CA ILE A 159 3.09 -22.61 -5.44
C ILE A 159 2.89 -21.29 -6.18
N TYR A 160 1.69 -21.06 -6.71
CA TYR A 160 1.35 -19.79 -7.35
C TYR A 160 0.21 -19.15 -6.57
N ILE A 161 0.47 -17.96 -6.03
CA ILE A 161 -0.48 -17.23 -5.18
C ILE A 161 -0.85 -15.95 -5.92
N VAL A 162 -2.16 -15.74 -6.12
CA VAL A 162 -2.67 -14.48 -6.66
C VAL A 162 -3.67 -13.93 -5.64
N ASP A 163 -3.51 -12.67 -5.24
CA ASP A 163 -4.42 -12.10 -4.25
C ASP A 163 -4.49 -10.58 -4.34
N LEU A 164 -5.45 -9.99 -3.65
CA LEU A 164 -5.63 -8.55 -3.61
C LEU A 164 -4.44 -7.87 -2.95
N ASP A 165 -4.10 -6.68 -3.45
CA ASP A 165 -3.19 -5.80 -2.70
C ASP A 165 -4.06 -4.82 -1.92
N ARG A 166 -3.76 -4.70 -0.63
CA ARG A 166 -4.53 -3.86 0.29
C ARG A 166 -4.77 -2.43 -0.22
N ASN A 167 -3.74 -1.85 -0.84
CA ASN A 167 -3.83 -0.46 -1.30
C ASN A 167 -4.69 -0.24 -2.55
N SER A 168 -5.23 -1.31 -3.12
CA SER A 168 -6.06 -1.21 -4.34
C SER A 168 -7.55 -1.11 -4.04
N LEU A 169 -7.90 -0.91 -2.76
CA LEU A 169 -9.30 -0.81 -2.31
C LEU A 169 -10.15 0.13 -3.17
N GLY A 170 -9.60 1.31 -3.48
CA GLY A 170 -10.32 2.32 -4.27
C GLY A 170 -10.80 1.84 -5.62
N GLU A 171 -9.92 1.13 -6.34
CA GLU A 171 -10.29 0.57 -7.65
C GLU A 171 -11.22 -0.62 -7.47
N GLY A 172 -11.02 -1.39 -6.40
CA GLY A 172 -11.95 -2.45 -6.02
C GLY A 172 -13.36 -1.91 -5.85
N LEU A 173 -13.50 -0.83 -5.08
CA LEU A 173 -14.80 -0.24 -4.78
C LEU A 173 -15.56 0.26 -6.00
N ASN A 174 -14.82 0.58 -7.07
CA ASN A 174 -15.45 1.01 -8.32
C ASN A 174 -16.20 -0.12 -9.06
N THR A 175 -15.95 -1.37 -8.67
CA THR A 175 -16.64 -2.53 -9.24
C THR A 175 -17.85 -2.98 -8.40
N ALA A 176 -17.99 -2.39 -7.21
CA ALA A 176 -19.09 -2.74 -6.30
C ALA A 176 -20.40 -2.14 -6.78
N GLN A 177 -21.48 -2.92 -6.69
CA GLN A 177 -22.76 -2.53 -7.23
C GLN A 177 -23.87 -2.46 -6.19
N SER A 178 -23.48 -2.51 -4.92
CA SER A 178 -24.42 -2.38 -3.80
C SER A 178 -23.68 -1.98 -2.53
N ARG A 179 -24.41 -1.46 -1.54
CA ARG A 179 -23.82 -1.13 -0.23
C ARG A 179 -23.18 -2.35 0.42
N GLU A 180 -23.81 -3.52 0.25
CA GLU A 180 -23.35 -4.77 0.82
C GLU A 180 -22.02 -5.19 0.20
N GLU A 181 -21.93 -5.04 -1.12
CA GLU A 181 -20.70 -5.33 -1.86
C GLU A 181 -19.57 -4.38 -1.46
N GLU A 182 -19.92 -3.12 -1.21
CA GLU A 182 -18.95 -2.16 -0.68
C GLU A 182 -18.37 -2.61 0.66
N ALA A 183 -19.24 -3.09 1.56
CA ALA A 183 -18.80 -3.55 2.88
C ALA A 183 -17.91 -4.79 2.75
N TYR A 184 -18.30 -5.66 1.83
CA TYR A 184 -17.57 -6.89 1.53
C TYR A 184 -16.14 -6.54 1.14
N LEU A 185 -15.99 -5.67 0.15
CA LEU A 185 -14.65 -5.30 -0.35
C LEU A 185 -13.82 -4.55 0.68
N LYS A 186 -14.45 -3.66 1.44
CA LYS A 186 -13.75 -2.98 2.52
C LYS A 186 -13.10 -4.00 3.47
N ASP A 187 -13.84 -5.04 3.83
CA ASP A 187 -13.31 -6.10 4.68
C ASP A 187 -12.23 -6.94 3.98
N GLN A 188 -12.44 -7.25 2.72
CA GLN A 188 -11.50 -8.08 1.96
C GLN A 188 -10.17 -7.35 1.78
N TYR A 189 -10.22 -6.08 1.38
CA TYR A 189 -8.98 -5.34 1.16
C TYR A 189 -8.25 -5.09 2.47
N ARG A 190 -8.99 -4.85 3.56
CA ARG A 190 -8.38 -4.62 4.87
C ARG A 190 -7.54 -5.82 5.30
N ALA A 191 -8.04 -7.02 4.97
CA ALA A 191 -7.38 -8.27 5.34
C ALA A 191 -6.21 -8.63 4.42
N SER A 192 -6.06 -7.92 3.31
CA SER A 192 -5.04 -8.24 2.32
C SER A 192 -3.65 -7.76 2.75
N LEU A 193 -2.63 -8.35 2.13
CA LEU A 193 -1.26 -7.87 2.27
C LEU A 193 -0.98 -6.78 1.26
N THR A 194 0.10 -6.03 1.49
CA THR A 194 0.69 -5.14 0.50
C THR A 194 1.83 -5.91 -0.15
N MET A 195 2.27 -5.44 -1.32
CA MET A 195 3.45 -6.01 -1.97
C MET A 195 4.64 -6.06 -1.00
N GLU A 196 4.83 -4.97 -0.26
CA GLU A 196 5.92 -4.87 0.72
C GLU A 196 5.90 -6.04 1.71
N GLU A 197 4.74 -6.31 2.29
CA GLU A 197 4.56 -7.41 3.25
C GLU A 197 4.71 -8.78 2.58
N PHE A 198 4.13 -8.89 1.39
CA PHE A 198 4.06 -10.16 0.67
C PHE A 198 5.46 -10.62 0.29
N LYS A 199 6.29 -9.68 -0.16
CA LYS A 199 7.69 -9.96 -0.48
C LYS A 199 8.44 -10.48 0.74
N GLN A 200 8.24 -9.83 1.89
CA GLN A 200 8.89 -10.26 3.13
C GLN A 200 8.43 -11.67 3.48
N LEU A 201 7.14 -11.92 3.31
CA LEU A 201 6.60 -13.23 3.62
C LEU A 201 7.25 -14.30 2.75
N LEU A 202 7.31 -14.05 1.45
CA LEU A 202 7.89 -15.04 0.55
C LEU A 202 9.37 -15.27 0.82
N HIS A 203 10.08 -14.20 1.16
CA HIS A 203 11.49 -14.29 1.55
C HIS A 203 11.70 -15.21 2.76
N VAL A 204 10.91 -14.99 3.81
CA VAL A 204 11.04 -15.74 5.08
C VAL A 204 10.74 -17.23 4.94
N VAL A 205 9.70 -17.58 4.18
CA VAL A 205 9.35 -19.01 4.00
C VAL A 205 10.24 -19.79 3.04
N THR A 206 11.06 -19.07 2.25
CA THR A 206 11.93 -19.73 1.26
C THR A 206 13.43 -19.67 1.57
N LYS A 207 13.86 -18.71 2.37
CA LYS A 207 15.30 -18.45 2.56
C LYS A 207 16.11 -19.62 3.13
N GLU A 208 15.47 -20.44 3.97
CA GLU A 208 16.16 -21.57 4.60
C GLU A 208 15.94 -22.89 3.85
N GLN A 209 15.20 -22.82 2.75
CA GLN A 209 14.77 -24.01 2.01
C GLN A 209 15.63 -24.27 0.76
N HIS A 210 16.44 -25.32 0.81
CA HIS A 210 17.36 -25.66 -0.28
C HIS A 210 16.63 -25.96 -1.59
N GLY A 211 17.05 -25.28 -2.66
CA GLY A 211 16.46 -25.46 -3.99
C GLY A 211 15.10 -24.78 -4.15
N VAL A 212 14.74 -23.93 -3.20
CA VAL A 212 13.46 -23.23 -3.25
C VAL A 212 13.70 -21.73 -3.37
N SER A 213 13.05 -21.11 -4.35
CA SER A 213 13.22 -19.68 -4.57
C SER A 213 11.85 -19.02 -4.67
N PHE A 214 11.82 -17.70 -4.78
CA PHE A 214 10.55 -17.00 -4.97
C PHE A 214 10.63 -15.88 -6.01
N HIS A 215 9.44 -15.46 -6.47
CA HIS A 215 9.29 -14.27 -7.31
C HIS A 215 8.02 -13.58 -6.89
N VAL A 216 8.06 -12.25 -6.82
CA VAL A 216 6.88 -11.48 -6.51
C VAL A 216 6.75 -10.31 -7.49
N GLY A 217 5.51 -9.91 -7.76
CA GLY A 217 5.27 -8.78 -8.64
C GLY A 217 3.80 -8.48 -8.76
N ASN A 218 3.49 -7.29 -9.24
CA ASN A 218 2.10 -6.91 -9.42
C ASN A 218 1.71 -6.67 -10.88
N SER A 219 2.64 -6.92 -11.80
CA SER A 219 2.30 -6.83 -13.21
C SER A 219 1.23 -7.85 -13.58
N PHE A 220 0.48 -7.53 -14.63
CA PHE A 220 -0.70 -8.29 -14.99
C PHE A 220 -0.45 -9.78 -15.21
N ILE A 221 0.68 -10.10 -15.83
CA ILE A 221 0.97 -11.46 -16.26
C ILE A 221 1.93 -12.13 -15.28
N GLY A 222 1.35 -12.78 -14.27
CA GLY A 222 2.11 -13.49 -13.25
C GLY A 222 3.03 -12.64 -12.39
N GLY A 223 2.88 -11.32 -12.47
CA GLY A 223 3.78 -10.42 -11.76
C GLY A 223 5.18 -10.35 -12.35
N PHE A 224 5.33 -10.88 -13.57
CA PHE A 224 6.57 -10.76 -14.31
C PHE A 224 6.50 -9.50 -15.17
N ASP A 225 7.47 -8.62 -15.03
CA ASP A 225 7.47 -7.39 -15.84
C ASP A 225 8.03 -7.69 -17.24
N GLU A 226 7.90 -6.74 -18.14
CA GLU A 226 8.23 -6.95 -19.55
C GLU A 226 9.74 -7.04 -19.86
N THR A 227 10.60 -6.96 -18.85
CA THR A 227 12.06 -7.05 -19.06
C THR A 227 12.61 -8.43 -18.77
N SER A 228 11.78 -9.29 -18.19
CA SER A 228 12.19 -10.60 -17.68
C SER A 228 12.31 -11.68 -18.77
N SER A 229 13.41 -12.43 -18.78
CA SER A 229 13.54 -13.56 -19.72
C SER A 229 12.50 -14.65 -19.44
N GLN A 230 12.17 -14.86 -18.16
CA GLN A 230 11.07 -15.76 -17.81
C GLN A 230 9.76 -15.28 -18.42
N PHE A 231 9.52 -13.96 -18.35
CA PHE A 231 8.33 -13.39 -18.98
C PHE A 231 8.29 -13.71 -20.47
N PHE A 232 9.41 -13.52 -21.17
CA PHE A 232 9.42 -13.81 -22.61
C PHE A 232 9.07 -15.26 -22.88
N SER A 233 9.64 -16.16 -22.08
CA SER A 233 9.33 -17.59 -22.23
C SER A 233 7.86 -17.91 -22.01
N LEU A 234 7.28 -17.33 -20.96
CA LEU A 234 5.83 -17.41 -20.68
C LEU A 234 5.01 -17.04 -21.89
N MET A 235 5.36 -15.93 -22.51
CA MET A 235 4.57 -15.33 -23.57
C MET A 235 4.68 -16.05 -24.91
N ARG A 236 5.59 -17.01 -25.03
CA ARG A 236 5.69 -17.80 -26.27
C ARG A 236 4.58 -18.85 -26.34
N ASN A 237 3.97 -19.12 -25.20
CA ASN A 237 2.91 -20.12 -25.08
C ASN A 237 1.60 -19.67 -25.74
N ARG A 238 1.16 -20.41 -26.75
CA ARG A 238 -0.06 -20.06 -27.49
C ARG A 238 -1.31 -20.00 -26.62
N ASN A 239 -1.43 -20.93 -25.67
CA ASN A 239 -2.61 -20.98 -24.83
C ASN A 239 -2.72 -19.73 -23.95
N LEU A 240 -1.59 -19.28 -23.40
CA LEU A 240 -1.57 -18.04 -22.62
C LEU A 240 -1.89 -16.85 -23.54
N GLN A 241 -1.24 -16.80 -24.71
CA GLN A 241 -1.50 -15.71 -25.63
C GLN A 241 -2.98 -15.61 -25.98
N ASP A 242 -3.62 -16.75 -26.23
CA ASP A 242 -5.06 -16.77 -26.57
C ASP A 242 -5.95 -16.31 -25.42
N ALA A 243 -5.63 -16.73 -24.20
CA ALA A 243 -6.40 -16.30 -23.03
C ALA A 243 -6.31 -14.79 -22.86
N LEU A 244 -5.12 -14.24 -23.11
CA LEU A 244 -4.91 -12.81 -23.00
C LEU A 244 -5.72 -12.02 -24.03
N ARG A 245 -5.58 -12.41 -25.30
CA ARG A 245 -6.31 -11.76 -26.39
C ARG A 245 -7.82 -11.72 -26.14
N THR A 246 -8.37 -12.88 -25.74
CA THR A 246 -9.80 -13.08 -25.45
C THR A 246 -10.33 -12.14 -24.36
N SER A 247 -9.46 -11.79 -23.42
CA SER A 247 -9.85 -11.06 -22.23
C SER A 247 -10.10 -9.57 -22.45
N VAL A 248 -9.58 -9.02 -23.55
CA VAL A 248 -9.49 -7.56 -23.73
C VAL A 248 -10.80 -6.79 -23.54
N GLY A 249 -11.89 -7.31 -24.09
CA GLY A 249 -13.19 -6.63 -24.01
C GLY A 249 -13.84 -6.50 -22.64
N GLU A 250 -13.27 -7.16 -21.63
CA GLU A 250 -13.86 -7.19 -20.28
C GLU A 250 -13.27 -6.13 -19.34
N GLN A 251 -12.23 -5.44 -19.78
CA GLN A 251 -11.45 -4.60 -18.87
C GLN A 251 -11.28 -3.15 -19.30
N LEU A 252 -11.12 -2.28 -18.29
CA LEU A 252 -10.84 -0.86 -18.48
C LEU A 252 -9.32 -0.63 -18.45
N LYS A 253 -8.89 0.62 -18.54
CA LYS A 253 -7.47 0.98 -18.47
C LYS A 253 -6.81 0.42 -17.20
N GLN A 254 -5.55 0.01 -17.33
CA GLN A 254 -4.77 -0.60 -16.24
C GLN A 254 -4.86 0.18 -14.93
N SER A 255 -4.73 1.51 -15.02
CA SER A 255 -4.78 2.40 -13.87
C SER A 255 -6.15 2.43 -13.17
N GLN A 256 -7.17 1.92 -13.85
CA GLN A 256 -8.54 1.91 -13.32
C GLN A 256 -8.95 0.59 -12.67
N MET A 257 -8.09 -0.43 -12.79
CA MET A 257 -8.38 -1.77 -12.25
C MET A 257 -7.50 -2.08 -11.02
N PRO A 258 -8.01 -2.89 -10.06
CA PRO A 258 -7.21 -3.20 -8.85
C PRO A 258 -5.96 -4.02 -9.15
N ALA A 259 -4.82 -3.56 -8.64
CA ALA A 259 -3.57 -4.30 -8.79
C ALA A 259 -3.58 -5.55 -7.91
N LEU A 260 -3.12 -6.66 -8.48
CA LEU A 260 -3.03 -7.90 -7.73
C LEU A 260 -1.61 -8.27 -7.37
N LEU A 261 -1.44 -8.93 -6.23
CA LEU A 261 -0.18 -9.54 -5.86
C LEU A 261 -0.07 -10.89 -6.56
N HIS A 262 1.09 -11.14 -7.14
CA HIS A 262 1.42 -12.44 -7.74
C HIS A 262 2.69 -12.96 -7.12
N GLY A 263 2.60 -14.13 -6.49
CA GLY A 263 3.77 -14.71 -5.83
C GLY A 263 4.00 -16.13 -6.26
N TRP A 264 5.27 -16.46 -6.49
CA TRP A 264 5.69 -17.81 -6.87
C TRP A 264 6.66 -18.35 -5.84
N ILE A 265 6.40 -19.56 -5.37
CA ILE A 265 7.39 -20.31 -4.59
C ILE A 265 7.78 -21.49 -5.48
N ILE A 266 9.05 -21.53 -5.89
CA ILE A 266 9.50 -22.42 -6.94
C ILE A 266 10.51 -23.42 -6.37
N LYS A 267 10.21 -24.71 -6.51
CA LYS A 267 11.14 -25.75 -6.03
C LYS A 267 11.74 -26.49 -7.22
N ASN A 268 13.06 -26.60 -7.21
CA ASN A 268 13.81 -27.24 -8.27
C ASN A 268 15.00 -27.94 -7.63
N LYS A 269 14.80 -29.18 -7.18
CA LYS A 269 15.82 -29.84 -6.36
C LYS A 269 16.96 -30.39 -7.20
N ALA B 1 18.29 -1.29 -3.86
CA ALA B 1 17.67 0.08 -3.81
C ALA B 1 16.41 0.03 -2.96
N ALA B 2 15.43 -0.76 -3.41
CA ALA B 2 14.30 -1.14 -2.59
C ALA B 2 14.78 -1.82 -1.31
N ALA B 3 15.70 -2.77 -1.44
CA ALA B 3 16.25 -3.49 -0.28
C ALA B 3 17.01 -2.54 0.64
N GLU B 4 17.78 -1.61 0.06
CA GLU B 4 18.55 -0.65 0.83
C GLU B 4 17.66 0.23 1.71
N ILE B 5 16.62 0.82 1.12
CA ILE B 5 15.78 1.75 1.89
C ILE B 5 14.90 1.00 2.91
N GLU B 6 14.42 -0.18 2.53
CA GLU B 6 13.65 -1.02 3.45
C GLU B 6 14.49 -1.32 4.71
N THR B 7 15.76 -1.68 4.50
CA THR B 7 16.72 -1.91 5.59
C THR B 7 16.96 -0.65 6.43
N ILE B 8 17.27 0.48 5.79
CA ILE B 8 17.46 1.75 6.48
C ILE B 8 16.26 2.07 7.37
N VAL B 9 15.06 1.91 6.81
CA VAL B 9 13.84 2.22 7.54
C VAL B 9 13.59 1.24 8.71
N ARG B 10 13.80 -0.05 8.46
CA ARG B 10 13.66 -1.07 9.51
C ARG B 10 14.64 -0.81 10.66
N GLU B 11 15.88 -0.44 10.30
CA GLU B 11 16.95 -0.26 11.29
C GLU B 11 16.78 0.99 12.15
N SER B 12 15.92 1.91 11.71
CA SER B 12 15.68 3.16 12.44
C SER B 12 14.31 3.20 13.14
N GLU B 13 13.59 2.07 13.13
CA GLU B 13 12.22 2.05 13.66
C GLU B 13 12.14 2.41 15.14
N ALA B 14 13.08 1.93 15.95
CA ALA B 14 13.09 2.27 17.38
C ALA B 14 13.16 3.78 17.62
N ASN B 15 13.93 4.48 16.78
CA ASN B 15 14.01 5.93 16.87
C ASN B 15 12.67 6.61 16.67
N ARG B 16 11.92 6.16 15.65
CA ARG B 16 10.62 6.75 15.36
C ARG B 16 9.60 6.44 16.44
N ILE B 17 9.67 5.22 16.99
CA ILE B 17 8.82 4.85 18.11
C ILE B 17 9.06 5.81 19.28
N GLN B 18 10.32 6.06 19.59
CA GLN B 18 10.70 6.98 20.66
C GLN B 18 10.21 8.41 20.42
N ALA B 19 10.35 8.89 19.18
CA ALA B 19 9.87 10.23 18.85
C ALA B 19 8.37 10.38 19.05
N GLN B 20 7.60 9.34 18.70
CA GLN B 20 6.15 9.38 18.79
C GLN B 20 5.63 9.37 20.23
N THR B 21 6.47 8.94 21.19
CA THR B 21 6.05 9.00 22.60
C THR B 21 5.72 10.43 23.01
N TRP B 22 6.36 11.38 22.36
CA TRP B 22 6.14 12.80 22.65
C TRP B 22 4.77 13.32 22.22
N PHE B 23 3.99 12.47 21.55
CA PHE B 23 2.63 12.82 21.14
C PHE B 23 1.54 11.92 21.72
N SER B 24 1.95 10.80 22.31
CA SER B 24 1.01 9.82 22.85
C SER B 24 1.00 9.80 24.37
N HIS B 25 2.07 10.30 24.99
CA HIS B 25 2.19 10.34 26.46
C HIS B 25 1.74 11.70 26.99
N PRO B 26 0.98 11.71 28.11
CA PRO B 26 0.33 12.92 28.62
C PRO B 26 1.26 14.08 28.95
N GLU B 27 2.30 13.85 29.75
CA GLU B 27 3.18 14.95 30.13
C GLU B 27 4.12 15.36 28.99
N LYS B 28 4.60 14.38 28.24
CA LYS B 28 5.43 14.67 27.06
C LYS B 28 4.65 15.52 26.05
N SER B 29 3.36 15.24 25.87
CA SER B 29 2.53 15.95 24.88
C SER B 29 2.36 17.43 25.22
N LYS B 30 2.45 17.77 26.50
CA LYS B 30 2.42 19.17 26.89
C LYS B 30 3.68 19.89 26.40
N VAL B 31 4.82 19.19 26.44
CA VAL B 31 6.10 19.73 26.00
C VAL B 31 6.11 19.92 24.48
N SER B 32 5.68 18.89 23.76
CA SER B 32 5.67 18.94 22.29
C SER B 32 4.72 20.02 21.78
N PHE B 33 3.50 20.06 22.34
CA PHE B 33 2.54 21.07 21.94
C PHE B 33 3.09 22.49 22.15
N ARG B 34 3.63 22.76 23.34
CA ARG B 34 4.16 24.08 23.67
C ARG B 34 5.26 24.49 22.71
N TYR B 35 6.22 23.59 22.49
CA TYR B 35 7.32 23.87 21.58
C TYR B 35 6.76 24.12 20.16
N ASP B 36 5.90 23.22 19.70
CA ASP B 36 5.39 23.28 18.33
C ASP B 36 4.62 24.57 18.05
N GLU B 37 3.79 24.99 19.01
CA GLU B 37 3.02 26.21 18.86
C GLU B 37 3.92 27.45 18.82
N ARG B 38 4.98 27.41 19.62
CA ARG B 38 5.88 28.56 19.74
C ARG B 38 6.80 28.67 18.53
N GLU B 39 7.30 27.54 18.06
CA GLU B 39 8.44 27.55 17.13
C GLU B 39 8.11 27.09 15.71
N THR B 40 6.97 26.43 15.52
CA THR B 40 6.66 25.85 14.21
C THR B 40 5.38 26.39 13.58
N SER B 41 4.67 27.26 14.29
CA SER B 41 3.44 27.85 13.77
C SER B 41 3.70 28.82 12.62
N SER B 42 4.79 29.59 12.71
CA SER B 42 5.10 30.61 11.71
C SER B 42 5.30 30.05 10.30
N ILE B 43 5.86 28.85 10.20
CA ILE B 43 6.15 28.24 8.90
C ILE B 43 4.90 27.69 8.21
N ARG B 44 3.81 27.52 8.96
CA ARG B 44 2.59 26.91 8.41
C ARG B 44 2.08 27.60 7.14
N SER B 45 1.99 28.93 7.20
CA SER B 45 1.49 29.68 6.06
C SER B 45 2.42 29.55 4.86
N ILE B 46 3.72 29.51 5.11
CA ILE B 46 4.69 29.35 4.01
C ILE B 46 4.54 27.98 3.35
N SER B 47 4.48 26.91 4.15
CA SER B 47 4.34 25.57 3.59
C SER B 47 3.04 25.46 2.76
N ILE B 48 1.96 26.02 3.29
CA ILE B 48 0.67 25.96 2.61
C ILE B 48 0.70 26.74 1.30
N GLU B 49 1.17 27.99 1.36
CA GLU B 49 1.22 28.79 0.14
C GLU B 49 2.22 28.23 -0.86
N THR B 50 3.22 27.50 -0.37
CA THR B 50 4.12 26.83 -1.30
C THR B 50 3.38 25.78 -2.15
N PHE B 51 2.59 24.91 -1.50
CA PHE B 51 1.90 23.89 -2.28
C PHE B 51 0.75 24.48 -3.11
N LEU B 52 0.13 25.55 -2.61
CA LEU B 52 -0.91 26.21 -3.40
C LEU B 52 -0.34 26.91 -4.64
N SER B 53 0.82 27.55 -4.49
CA SER B 53 1.50 28.16 -5.62
C SER B 53 1.95 27.10 -6.63
N PHE B 54 2.52 26.01 -6.12
CA PHE B 54 2.92 24.90 -6.98
C PHE B 54 1.73 24.35 -7.74
N TYR B 55 0.63 24.10 -7.03
CA TYR B 55 -0.54 23.44 -7.62
C TYR B 55 -1.11 24.30 -8.77
N SER B 56 -1.33 25.58 -8.47
CA SER B 56 -1.92 26.51 -9.44
C SER B 56 -1.04 26.66 -10.70
N SER B 57 0.28 26.73 -10.52
CA SER B 57 1.16 26.84 -11.69
C SER B 57 1.27 25.55 -12.49
N LYS B 58 1.34 24.42 -11.79
CA LYS B 58 1.48 23.10 -12.43
C LYS B 58 0.22 22.65 -13.18
N PHE B 59 -0.93 22.85 -12.55
CA PHE B 59 -2.18 22.26 -13.05
C PHE B 59 -3.20 23.26 -13.61
N ASN B 60 -2.92 24.56 -13.47
CA ASN B 60 -3.73 25.63 -14.08
C ASN B 60 -5.15 25.72 -13.55
N ARG B 61 -5.33 25.27 -12.31
CA ARG B 61 -6.59 25.41 -11.59
C ARG B 61 -6.31 25.30 -10.10
N GLU B 62 -7.29 25.67 -9.29
CA GLU B 62 -7.22 25.48 -7.83
C GLU B 62 -7.53 24.04 -7.48
N PRO B 63 -6.96 23.52 -6.36
CA PRO B 63 -7.26 22.15 -5.93
C PRO B 63 -8.72 22.01 -5.45
N TYR B 64 -9.32 20.84 -5.67
CA TYR B 64 -10.69 20.59 -5.22
C TYR B 64 -10.71 20.04 -3.81
N SER B 65 -9.57 19.48 -3.40
CA SER B 65 -9.49 18.73 -2.13
C SER B 65 -8.09 18.77 -1.56
N VAL B 66 -8.02 18.77 -0.23
CA VAL B 66 -6.75 18.61 0.49
C VAL B 66 -6.97 17.62 1.62
N LEU B 67 -6.04 16.67 1.72
CA LEU B 67 -5.99 15.72 2.83
C LEU B 67 -4.75 16.03 3.65
N ASP B 68 -4.96 16.36 4.93
CA ASP B 68 -3.89 16.77 5.83
C ASP B 68 -3.56 15.62 6.79
N ILE B 69 -2.34 15.12 6.67
CA ILE B 69 -1.89 13.91 7.37
C ILE B 69 -1.18 14.32 8.65
N GLY B 70 -1.63 13.80 9.79
CA GLY B 70 -1.10 14.25 11.09
C GLY B 70 -1.54 15.68 11.37
N CYS B 71 -2.84 15.93 11.23
CA CYS B 71 -3.40 17.28 11.18
C CYS B 71 -3.37 18.07 12.50
N GLY B 72 -2.98 17.42 13.59
CA GLY B 72 -2.92 18.11 14.88
C GLY B 72 -4.29 18.67 15.23
N GLN B 73 -4.29 19.91 15.74
CA GLN B 73 -5.52 20.54 16.22
C GLN B 73 -6.31 21.25 15.09
N GLY B 74 -5.98 20.94 13.84
CA GLY B 74 -6.75 21.46 12.72
C GLY B 74 -6.33 22.81 12.15
N GLN B 75 -5.17 23.30 12.57
CA GLN B 75 -4.71 24.65 12.18
C GLN B 75 -4.53 24.83 10.67
N VAL B 76 -3.94 23.85 10.01
CA VAL B 76 -3.78 23.87 8.55
C VAL B 76 -5.14 23.86 7.84
N ILE B 77 -6.03 22.96 8.29
CA ILE B 77 -7.38 22.90 7.73
C ILE B 77 -8.16 24.20 7.96
N GLN B 78 -7.98 24.78 9.15
CA GLN B 78 -8.59 26.08 9.47
C GLN B 78 -8.15 27.15 8.48
N TYR B 79 -6.85 27.16 8.17
CA TYR B 79 -6.29 28.11 7.23
C TYR B 79 -6.90 27.90 5.85
N LEU B 80 -6.89 26.65 5.36
CA LEU B 80 -7.42 26.34 4.03
C LEU B 80 -8.91 26.64 3.87
N ASN B 81 -9.67 26.40 4.94
CA ASN B 81 -11.13 26.66 4.93
C ASN B 81 -11.47 28.12 4.67
N SER B 82 -10.62 29.01 5.14
CA SER B 82 -10.80 30.44 4.92
C SER B 82 -9.87 30.99 3.85
N ARG B 83 -9.42 30.10 2.96
CA ARG B 83 -8.51 30.46 1.87
C ARG B 83 -9.20 30.25 0.52
N PHE B 84 -10.25 29.42 0.52
CA PHE B 84 -11.05 29.16 -0.69
C PHE B 84 -12.53 29.19 -0.36
N GLN B 85 -13.34 29.60 -1.34
CA GLN B 85 -14.80 29.59 -1.15
C GLN B 85 -15.35 28.16 -1.01
N LYS B 86 -14.78 27.25 -1.79
CA LYS B 86 -15.25 25.86 -1.86
C LYS B 86 -14.05 24.92 -2.02
N ILE B 87 -13.85 24.05 -1.03
CA ILE B 87 -12.77 23.06 -1.07
C ILE B 87 -13.08 21.91 -0.11
N GLU B 88 -12.78 20.68 -0.52
CA GLU B 88 -13.06 19.50 0.32
C GLU B 88 -11.87 19.20 1.21
N LEU B 89 -12.05 19.36 2.52
CA LEU B 89 -10.94 19.24 3.47
C LEU B 89 -11.11 18.06 4.42
N THR B 90 -10.04 17.27 4.55
CA THR B 90 -10.03 16.12 5.43
C THR B 90 -8.73 16.16 6.23
N GLY B 91 -8.83 15.95 7.54
CA GLY B 91 -7.65 15.87 8.40
C GLY B 91 -7.68 14.59 9.21
N ILE B 92 -6.52 13.96 9.40
CA ILE B 92 -6.43 12.72 10.18
C ILE B 92 -5.28 12.83 11.18
N ASP B 93 -5.53 12.41 12.41
CA ASP B 93 -4.51 12.46 13.44
C ASP B 93 -4.86 11.37 14.44
N SER B 94 -3.84 10.69 14.97
CA SER B 94 -4.08 9.58 15.89
C SER B 94 -4.37 10.06 17.32
N SER B 95 -4.12 11.35 17.59
CA SER B 95 -4.39 11.90 18.93
C SER B 95 -5.86 12.27 19.13
N ALA B 96 -6.52 11.62 20.09
CA ALA B 96 -7.92 11.93 20.38
C ALA B 96 -8.11 13.38 20.83
N GLN B 97 -7.21 13.87 21.67
CA GLN B 97 -7.27 15.25 22.15
C GLN B 97 -7.11 16.26 21.00
N ALA B 98 -6.16 15.98 20.11
CA ALA B 98 -5.95 16.86 18.95
C ALA B 98 -7.21 16.95 18.09
N ILE B 99 -7.81 15.80 17.79
CA ILE B 99 -9.01 15.75 16.97
C ILE B 99 -10.23 16.40 17.66
N SER B 100 -10.34 16.21 18.97
CA SER B 100 -11.37 16.92 19.76
C SER B 100 -11.25 18.43 19.63
N SER B 101 -10.03 18.96 19.76
CA SER B 101 -9.78 20.38 19.55
C SER B 101 -10.13 20.81 18.12
N ALA B 102 -9.74 19.98 17.16
CA ALA B 102 -10.01 20.27 15.75
C ALA B 102 -11.51 20.38 15.48
N LYS B 103 -12.30 19.45 16.01
CA LYS B 103 -13.76 19.49 15.82
C LYS B 103 -14.40 20.70 16.52
N LYS B 104 -13.77 21.19 17.59
CA LYS B 104 -14.28 22.38 18.31
C LYS B 104 -14.22 23.64 17.45
N LEU B 105 -13.40 23.62 16.42
CA LEU B 105 -13.31 24.75 15.48
C LEU B 105 -14.64 25.02 14.76
N GLY B 106 -15.47 23.98 14.59
CA GLY B 106 -16.78 24.12 13.95
C GLY B 106 -16.70 24.46 12.48
N ILE B 107 -15.62 24.00 11.84
CA ILE B 107 -15.37 24.24 10.43
C ILE B 107 -15.95 23.14 9.56
N ASN B 108 -16.31 23.48 8.33
CA ASN B 108 -16.77 22.50 7.37
C ASN B 108 -15.59 21.68 6.86
N ALA B 109 -15.23 20.65 7.62
CA ALA B 109 -14.16 19.71 7.27
C ALA B 109 -14.39 18.41 8.02
N SER B 110 -13.82 17.33 7.50
CA SER B 110 -13.88 16.05 8.17
C SER B 110 -12.59 15.81 8.91
N PHE B 111 -12.70 15.62 10.23
CA PHE B 111 -11.56 15.27 11.07
C PHE B 111 -11.70 13.85 11.61
N ILE B 112 -10.67 13.04 11.37
CA ILE B 112 -10.67 11.61 11.69
C ILE B 112 -9.64 11.32 12.76
N CYS B 113 -10.07 10.67 13.84
CA CYS B 113 -9.09 10.21 14.84
C CYS B 113 -8.70 8.76 14.59
N SER B 114 -7.56 8.58 13.94
CA SER B 114 -7.04 7.26 13.59
C SER B 114 -5.59 7.40 13.17
N ASN B 115 -4.85 6.29 13.23
CA ASN B 115 -3.53 6.25 12.59
C ASN B 115 -3.75 6.56 11.11
N ALA B 116 -2.94 7.46 10.55
CA ALA B 116 -3.06 7.83 9.13
C ALA B 116 -2.88 6.60 8.24
N GLU B 117 -2.15 5.61 8.75
CA GLU B 117 -2.04 4.29 8.10
C GLU B 117 -3.38 3.70 7.66
N ASN B 118 -4.43 4.00 8.43
CA ASN B 118 -5.78 3.48 8.16
C ASN B 118 -6.65 4.39 7.28
N ILE B 119 -6.02 5.36 6.61
CA ILE B 119 -6.77 6.37 5.83
C ILE B 119 -7.81 5.79 4.86
N MET B 120 -7.46 4.69 4.18
CA MET B 120 -8.39 4.08 3.22
C MET B 120 -9.67 3.50 3.81
N GLN B 121 -9.70 3.35 5.14
CA GLN B 121 -10.93 2.95 5.82
C GLN B 121 -11.93 4.10 5.89
N TYR B 122 -11.45 5.32 5.61
CA TYR B 122 -12.23 6.54 5.76
C TYR B 122 -12.41 7.33 4.48
N VAL B 123 -11.40 7.30 3.62
CA VAL B 123 -11.39 8.11 2.39
C VAL B 123 -11.15 7.21 1.18
N SER B 124 -12.06 7.31 0.19
CA SER B 124 -11.97 6.59 -1.09
C SER B 124 -11.69 7.55 -2.23
N LYS B 125 -12.24 8.75 -2.13
CA LYS B 125 -12.15 9.74 -3.20
C LYS B 125 -10.70 10.18 -3.36
N LYS B 126 -10.26 10.32 -4.61
CA LYS B 126 -8.90 10.77 -4.87
C LYS B 126 -8.74 12.23 -4.47
N GLN B 127 -7.52 12.58 -4.05
CA GLN B 127 -7.21 13.89 -3.46
C GLN B 127 -6.25 14.65 -4.36
N ASP B 128 -6.48 15.96 -4.51
CA ASP B 128 -5.62 16.80 -5.34
C ASP B 128 -4.31 17.13 -4.62
N ILE B 129 -4.37 17.29 -3.31
CA ILE B 129 -3.18 17.59 -2.51
C ILE B 129 -3.24 16.74 -1.25
N ILE B 130 -2.14 16.06 -0.96
CA ILE B 130 -1.96 15.38 0.31
C ILE B 130 -0.76 16.03 1.00
N PHE B 131 -1.00 16.56 2.19
CA PHE B 131 0.00 17.34 2.93
C PHE B 131 0.48 16.56 4.14
N ILE B 132 1.81 16.40 4.24
CA ILE B 132 2.41 15.73 5.39
C ILE B 132 3.40 16.69 6.02
N HIS B 133 2.91 17.48 6.97
CA HIS B 133 3.67 18.61 7.51
C HIS B 133 4.21 18.27 8.89
N LEU B 134 5.54 18.20 8.96
CA LEU B 134 6.28 18.03 10.21
C LEU B 134 5.85 16.82 11.02
N CYS B 135 5.64 15.68 10.35
CA CYS B 135 5.25 14.45 11.04
C CYS B 135 5.74 13.14 10.41
N PHE B 136 6.40 13.22 9.26
CA PHE B 136 6.78 12.02 8.49
C PHE B 136 7.60 11.03 9.32
N GLY B 137 8.54 11.55 10.11
CA GLY B 137 9.40 10.71 10.95
C GLY B 137 8.72 10.06 12.15
N LEU B 138 7.45 10.37 12.38
CA LEU B 138 6.70 9.75 13.48
C LEU B 138 6.05 8.45 13.05
N PHE B 139 5.97 8.19 11.74
CA PHE B 139 5.35 6.97 11.27
C PHE B 139 6.22 5.76 11.52
N LYS B 140 5.63 4.69 12.05
CA LYS B 140 6.39 3.46 12.28
C LYS B 140 7.01 2.95 10.97
N ASN B 141 6.24 3.01 9.88
CA ASN B 141 6.79 2.68 8.57
C ASN B 141 6.47 3.78 7.53
N PRO B 142 7.40 4.74 7.36
CA PRO B 142 7.18 5.82 6.40
C PRO B 142 7.02 5.34 4.95
N ILE B 143 7.64 4.21 4.61
CA ILE B 143 7.51 3.66 3.25
C ILE B 143 6.06 3.27 2.99
N ALA B 144 5.50 2.52 3.93
CA ALA B 144 4.14 1.98 3.79
C ALA B 144 3.10 3.10 3.68
N ILE B 145 3.25 4.14 4.50
CA ILE B 145 2.29 5.23 4.46
C ILE B 145 2.35 6.01 3.15
N VAL B 146 3.56 6.27 2.65
CA VAL B 146 3.71 6.92 1.33
C VAL B 146 3.08 6.07 0.23
N ASN B 147 3.31 4.77 0.24
CA ASN B 147 2.70 3.90 -0.75
C ASN B 147 1.19 3.98 -0.76
N THR B 148 0.59 3.93 0.44
CA THR B 148 -0.85 4.05 0.56
C THR B 148 -1.33 5.39 -0.02
N LEU B 149 -0.65 6.48 0.39
CA LEU B 149 -1.08 7.81 -0.05
C LEU B 149 -0.96 8.05 -1.53
N ILE B 150 0.06 7.48 -2.18
CA ILE B 150 0.19 7.60 -3.65
C ILE B 150 -1.10 7.09 -4.34
N HIS B 151 -1.66 6.02 -3.79
CA HIS B 151 -2.90 5.44 -4.31
C HIS B 151 -4.12 6.35 -4.15
N LEU B 152 -4.06 7.31 -3.23
CA LEU B 152 -5.14 8.28 -3.07
C LEU B 152 -4.99 9.55 -3.91
N LEU B 153 -3.91 9.65 -4.67
CA LEU B 153 -3.68 10.84 -5.48
C LEU B 153 -4.59 10.88 -6.69
N SER B 154 -5.16 12.05 -6.97
CA SER B 154 -5.90 12.29 -8.21
C SER B 154 -4.95 12.38 -9.40
N ASP B 155 -5.51 12.50 -10.61
CA ASP B 155 -4.67 12.59 -11.81
C ASP B 155 -3.94 13.92 -11.95
N GLN B 156 -4.33 14.91 -11.14
CA GLN B 156 -3.68 16.22 -11.12
C GLN B 156 -3.38 16.51 -9.66
N SER B 157 -2.23 16.07 -9.16
CA SER B 157 -2.05 16.06 -7.71
C SER B 157 -0.60 16.07 -7.24
N CYS B 158 -0.44 16.32 -5.94
CA CYS B 158 0.88 16.17 -5.35
C CYS B 158 0.75 15.78 -3.89
N ILE B 159 1.73 14.99 -3.44
CA ILE B 159 2.00 14.89 -2.01
C ILE B 159 3.13 15.87 -1.75
N TYR B 160 2.96 16.70 -0.71
CA TYR B 160 4.03 17.60 -0.29
C TYR B 160 4.37 17.26 1.17
N ILE B 161 5.64 16.91 1.38
CA ILE B 161 6.14 16.50 2.69
C ILE B 161 7.17 17.53 3.14
N VAL B 162 6.99 18.06 4.34
CA VAL B 162 8.01 18.92 4.93
C VAL B 162 8.34 18.27 6.27
N ASP B 163 9.62 17.99 6.51
CA ASP B 163 9.98 17.38 7.80
C ASP B 163 11.38 17.75 8.24
N LEU B 164 11.70 17.41 9.49
CA LEU B 164 13.04 17.64 10.02
C LEU B 164 14.09 16.85 9.27
N ASP B 165 15.30 17.39 9.20
CA ASP B 165 16.44 16.70 8.62
C ASP B 165 17.33 16.28 9.78
N ARG B 166 17.61 14.99 9.90
CA ARG B 166 18.42 14.46 11.01
C ARG B 166 19.75 15.21 11.16
N ASN B 167 20.34 15.59 10.03
CA ASN B 167 21.64 16.26 10.05
C ASN B 167 21.59 17.72 10.50
N SER B 168 20.39 18.22 10.79
CA SER B 168 20.22 19.60 11.27
C SER B 168 19.93 19.67 12.78
N LEU B 169 20.17 18.58 13.49
CA LEU B 169 19.89 18.51 14.94
C LEU B 169 20.55 19.67 15.68
N GLY B 170 21.84 19.90 15.39
CA GLY B 170 22.60 20.97 16.04
C GLY B 170 21.90 22.32 15.97
N GLU B 171 21.39 22.68 14.80
CA GLU B 171 20.70 23.95 14.63
C GLU B 171 19.30 23.87 15.21
N GLY B 172 18.69 22.70 15.12
CA GLY B 172 17.34 22.48 15.64
C GLY B 172 17.25 22.74 17.13
N LEU B 173 18.35 22.50 17.85
CA LEU B 173 18.39 22.71 19.30
C LEU B 173 18.54 24.16 19.72
N ASN B 174 18.83 25.04 18.76
CA ASN B 174 19.00 26.46 19.06
C ASN B 174 17.73 27.10 19.62
N THR B 175 16.57 26.50 19.34
CA THR B 175 15.28 27.05 19.78
C THR B 175 14.72 26.38 21.03
N ALA B 176 15.43 25.38 21.57
CA ALA B 176 15.01 24.73 22.83
C ALA B 176 15.13 25.72 23.99
N GLN B 177 14.20 25.65 24.94
CA GLN B 177 14.18 26.61 26.07
C GLN B 177 14.13 25.91 27.44
N SER B 178 14.26 24.58 27.44
CA SER B 178 14.25 23.79 28.66
C SER B 178 14.93 22.44 28.43
N ARG B 179 15.27 21.76 29.53
CA ARG B 179 15.81 20.42 29.48
C ARG B 179 14.84 19.48 28.74
N GLU B 180 13.54 19.63 29.03
CA GLU B 180 12.51 18.77 28.43
C GLU B 180 12.42 19.02 26.93
N GLU B 181 12.52 20.29 26.52
CA GLU B 181 12.52 20.62 25.10
C GLU B 181 13.76 20.10 24.38
N GLU B 182 14.92 20.12 25.05
CA GLU B 182 16.13 19.54 24.46
C GLU B 182 15.94 18.05 24.21
N ALA B 183 15.36 17.36 25.20
CA ALA B 183 15.16 15.93 25.10
C ALA B 183 14.15 15.62 24.00
N TYR B 184 13.09 16.42 23.96
CA TYR B 184 12.06 16.30 22.90
C TYR B 184 12.71 16.42 21.52
N LEU B 185 13.45 17.50 21.31
CA LEU B 185 14.04 17.76 19.99
C LEU B 185 15.08 16.73 19.58
N LYS B 186 15.94 16.30 20.52
CA LYS B 186 16.90 15.26 20.15
C LYS B 186 16.19 13.96 19.71
N ASP B 187 15.13 13.58 20.41
CA ASP B 187 14.34 12.40 20.00
C ASP B 187 13.72 12.64 18.62
N GLN B 188 13.22 13.84 18.38
CA GLN B 188 12.58 14.14 17.07
C GLN B 188 13.60 14.08 15.95
N TYR B 189 14.76 14.71 16.15
CA TYR B 189 15.80 14.68 15.12
C TYR B 189 16.39 13.30 14.87
N ARG B 190 16.57 12.52 15.94
CA ARG B 190 17.13 11.17 15.77
C ARG B 190 16.20 10.25 14.99
N ALA B 191 14.89 10.53 15.03
CA ALA B 191 13.88 9.77 14.30
C ALA B 191 13.76 10.21 12.84
N SER B 192 14.37 11.34 12.51
CA SER B 192 14.22 11.94 11.18
C SER B 192 15.08 11.27 10.12
N LEU B 193 14.69 11.43 8.86
CA LEU B 193 15.52 11.02 7.75
C LEU B 193 16.57 12.08 7.44
N THR B 194 17.62 11.67 6.71
CA THR B 194 18.55 12.61 6.09
C THR B 194 18.08 12.85 4.65
N MET B 195 18.64 13.88 3.99
CA MET B 195 18.28 14.14 2.58
C MET B 195 18.60 12.93 1.69
N GLU B 196 19.76 12.30 1.92
CA GLU B 196 20.13 11.07 1.20
C GLU B 196 19.05 9.97 1.33
N GLU B 197 18.60 9.70 2.55
CA GLU B 197 17.62 8.64 2.79
C GLU B 197 16.26 8.98 2.18
N PHE B 198 15.88 10.24 2.31
CA PHE B 198 14.59 10.72 1.83
C PHE B 198 14.55 10.66 0.29
N LYS B 199 15.65 11.06 -0.36
CA LYS B 199 15.75 10.92 -1.82
C LYS B 199 15.60 9.50 -2.28
N GLN B 200 16.29 8.56 -1.61
CA GLN B 200 16.18 7.17 -1.99
C GLN B 200 14.75 6.65 -1.79
N LEU B 201 14.14 7.00 -0.67
CA LEU B 201 12.77 6.58 -0.40
C LEU B 201 11.84 7.02 -1.53
N LEU B 202 11.89 8.31 -1.86
CA LEU B 202 10.98 8.82 -2.89
C LEU B 202 11.34 8.29 -4.27
N HIS B 203 12.63 8.15 -4.55
CA HIS B 203 13.04 7.50 -5.79
C HIS B 203 12.47 6.08 -5.95
N VAL B 204 12.59 5.26 -4.90
CA VAL B 204 12.12 3.87 -4.96
C VAL B 204 10.60 3.78 -5.15
N VAL B 205 9.84 4.51 -4.34
CA VAL B 205 8.39 4.36 -4.41
C VAL B 205 7.85 4.90 -5.74
N THR B 206 8.50 5.93 -6.28
CA THR B 206 8.03 6.48 -7.56
C THR B 206 8.49 5.65 -8.74
N LYS B 207 9.53 4.85 -8.57
CA LYS B 207 9.89 3.87 -9.60
C LYS B 207 8.92 2.70 -9.61
N GLU B 208 8.51 2.26 -8.43
CA GLU B 208 7.60 1.12 -8.28
C GLU B 208 6.18 1.45 -8.69
N GLN B 209 5.70 2.62 -8.26
CA GLN B 209 4.33 3.04 -8.55
C GLN B 209 4.29 3.66 -9.94
N HIS B 210 3.13 3.66 -10.55
CA HIS B 210 3.00 4.21 -11.90
C HIS B 210 2.53 5.66 -11.91
N GLY B 211 3.00 6.40 -12.91
CA GLY B 211 2.51 7.74 -13.17
C GLY B 211 2.93 8.87 -12.23
N VAL B 212 3.97 8.63 -11.45
CA VAL B 212 4.42 9.61 -10.46
C VAL B 212 5.91 9.93 -10.61
N SER B 213 6.28 11.16 -10.23
CA SER B 213 7.68 11.54 -10.16
C SER B 213 7.91 12.24 -8.82
N PHE B 214 9.16 12.58 -8.52
CA PHE B 214 9.46 13.20 -7.23
C PHE B 214 10.49 14.31 -7.34
N HIS B 215 10.53 15.14 -6.30
CA HIS B 215 11.60 16.11 -6.14
C HIS B 215 11.88 16.23 -4.66
N VAL B 216 13.17 16.29 -4.30
CA VAL B 216 13.56 16.53 -2.90
C VAL B 216 14.59 17.65 -2.86
N GLY B 217 14.45 18.56 -1.90
CA GLY B 217 15.48 19.55 -1.68
C GLY B 217 15.43 20.10 -0.28
N ASN B 218 16.52 20.72 0.14
CA ASN B 218 16.51 21.34 1.45
C ASN B 218 16.33 22.86 1.41
N SER B 219 16.21 23.44 0.22
CA SER B 219 15.97 24.89 0.08
C SER B 219 14.68 25.30 0.77
N PHE B 220 14.69 26.49 1.39
CA PHE B 220 13.54 26.95 2.21
C PHE B 220 12.21 26.96 1.45
N ILE B 221 12.26 27.31 0.16
CA ILE B 221 11.04 27.45 -0.64
C ILE B 221 10.79 26.15 -1.39
N GLY B 222 10.08 25.24 -0.74
CA GLY B 222 9.71 23.95 -1.36
C GLY B 222 10.86 23.05 -1.78
N GLY B 223 12.07 23.34 -1.31
CA GLY B 223 13.24 22.56 -1.71
C GLY B 223 13.69 22.83 -3.14
N PHE B 224 13.25 23.95 -3.72
CA PHE B 224 13.71 24.34 -5.05
C PHE B 224 14.76 25.42 -4.92
N ASP B 225 15.94 25.19 -5.51
CA ASP B 225 17.07 26.10 -5.34
C ASP B 225 16.96 27.38 -6.18
N GLU B 226 17.83 28.34 -5.89
CA GLU B 226 17.72 29.67 -6.48
C GLU B 226 18.00 29.73 -7.97
N THR B 227 18.45 28.63 -8.56
CA THR B 227 18.68 28.61 -10.01
C THR B 227 17.51 27.98 -10.77
N SER B 228 16.56 27.39 -10.05
CA SER B 228 15.58 26.55 -10.72
C SER B 228 14.36 27.29 -11.26
N SER B 229 13.91 26.84 -12.43
CA SER B 229 12.72 27.38 -13.07
C SER B 229 11.50 27.29 -12.15
N GLN B 230 11.38 26.18 -11.43
CA GLN B 230 10.24 25.98 -10.55
C GLN B 230 10.25 26.96 -9.38
N PHE B 231 11.44 27.21 -8.83
CA PHE B 231 11.59 28.25 -7.81
C PHE B 231 11.07 29.59 -8.34
N PHE B 232 11.56 30.02 -9.51
CA PHE B 232 11.13 31.33 -10.03
C PHE B 232 9.62 31.38 -10.17
N SER B 233 9.04 30.29 -10.70
CA SER B 233 7.59 30.19 -10.87
C SER B 233 6.85 30.31 -9.54
N LEU B 234 7.30 29.56 -8.53
CA LEU B 234 6.72 29.66 -7.18
C LEU B 234 6.73 31.11 -6.68
N MET B 235 7.86 31.78 -6.87
CA MET B 235 8.05 33.11 -6.31
C MET B 235 7.27 34.23 -7.00
N ARG B 236 6.73 33.96 -8.18
CA ARG B 236 5.89 34.95 -8.88
C ARG B 236 4.49 35.05 -8.25
N ASN B 237 4.15 34.08 -7.40
CA ASN B 237 2.83 34.02 -6.79
C ASN B 237 2.73 34.99 -5.62
N ARG B 238 1.81 35.95 -5.71
CA ARG B 238 1.69 37.01 -4.71
C ARG B 238 1.26 36.51 -3.33
N ASN B 239 0.47 35.44 -3.30
CA ASN B 239 0.07 34.82 -2.03
C ASN B 239 1.27 34.23 -1.28
N LEU B 240 2.16 33.56 -2.02
CA LEU B 240 3.41 33.08 -1.42
C LEU B 240 4.30 34.24 -0.98
N GLN B 241 4.40 35.28 -1.83
CA GLN B 241 5.17 36.47 -1.48
C GLN B 241 4.68 37.06 -0.14
N ASP B 242 3.37 37.17 0.00
CA ASP B 242 2.78 37.72 1.23
C ASP B 242 3.09 36.85 2.45
N ALA B 243 3.00 35.52 2.28
CA ALA B 243 3.36 34.57 3.35
C ALA B 243 4.81 34.76 3.80
N LEU B 244 5.72 34.90 2.84
CA LEU B 244 7.14 35.06 3.14
C LEU B 244 7.41 36.37 3.87
N ARG B 245 6.73 37.42 3.43
CA ARG B 245 6.89 38.76 4.01
C ARG B 245 6.44 38.80 5.47
N THR B 246 5.51 37.92 5.82
CA THR B 246 4.98 37.87 7.19
C THR B 246 5.63 36.80 8.08
N SER B 247 6.63 36.09 7.56
CA SER B 247 7.50 35.27 8.41
C SER B 247 8.67 36.13 8.89
N VAL B 248 9.75 36.14 8.10
CA VAL B 248 10.79 37.19 8.12
C VAL B 248 11.60 37.40 9.41
N GLY B 249 10.97 37.99 10.43
CA GLY B 249 11.66 38.38 11.65
C GLY B 249 11.76 37.25 12.66
N GLU B 250 10.91 36.25 12.48
CA GLU B 250 10.84 35.09 13.38
C GLU B 250 12.05 34.18 13.25
N GLN B 251 13.15 34.72 12.73
CA GLN B 251 14.37 33.95 12.47
C GLN B 251 15.65 34.79 12.55
N LEU B 252 16.74 34.15 12.95
CA LEU B 252 18.05 34.77 13.01
C LEU B 252 18.79 34.59 11.67
N LYS B 253 20.10 34.33 11.74
CA LYS B 253 20.93 34.09 10.56
C LYS B 253 20.65 32.72 9.92
N GLN B 254 20.90 32.62 8.62
CA GLN B 254 20.87 31.35 7.89
C GLN B 254 21.64 30.24 8.61
N SER B 255 22.77 30.60 9.21
CA SER B 255 23.64 29.67 9.91
C SER B 255 22.99 29.12 11.20
N GLN B 256 22.01 29.83 11.73
CA GLN B 256 21.38 29.47 13.00
C GLN B 256 20.20 28.52 12.82
N MET B 257 19.63 28.51 11.62
CA MET B 257 18.43 27.71 11.36
C MET B 257 18.71 26.31 10.81
N PRO B 258 17.91 25.33 11.24
CA PRO B 258 18.02 23.98 10.69
C PRO B 258 17.51 23.98 9.25
N ALA B 259 18.10 23.18 8.39
CA ALA B 259 17.50 22.94 7.09
C ALA B 259 16.37 21.95 7.30
N LEU B 260 15.32 22.05 6.48
CA LEU B 260 14.22 21.08 6.49
C LEU B 260 14.25 20.26 5.21
N LEU B 261 13.69 19.05 5.28
CA LEU B 261 13.48 18.23 4.10
C LEU B 261 12.19 18.66 3.45
N HIS B 262 12.22 18.83 2.13
CA HIS B 262 11.02 19.16 1.37
C HIS B 262 10.90 18.11 0.28
N GLY B 263 9.80 17.36 0.24
CA GLY B 263 9.64 16.32 -0.76
C GLY B 263 8.32 16.45 -1.48
N TRP B 264 8.33 16.24 -2.79
CA TRP B 264 7.09 16.22 -3.59
C TRP B 264 6.96 14.90 -4.30
N ILE B 265 5.75 14.33 -4.33
CA ILE B 265 5.43 13.26 -5.26
C ILE B 265 4.32 13.85 -6.13
N ILE B 266 4.52 13.82 -7.44
CA ILE B 266 3.65 14.59 -8.36
C ILE B 266 3.00 13.66 -9.37
N LYS B 267 1.68 13.78 -9.55
CA LYS B 267 0.98 12.99 -10.56
C LYS B 267 0.33 13.94 -11.55
N ASN B 268 0.55 13.68 -12.84
CA ASN B 268 0.04 14.58 -13.88
C ASN B 268 -0.40 13.76 -15.09
N LYS B 269 -1.52 13.06 -14.94
CA LYS B 269 -2.08 12.25 -16.03
C LYS B 269 -3.11 13.11 -16.73
N ARG B 270 -2.94 13.28 -18.05
CA ARG B 270 -3.74 14.27 -18.80
C ARG B 270 -4.51 13.72 -19.99
N TYR B 271 -3.90 12.78 -20.70
CA TYR B 271 -4.32 12.53 -22.08
C TYR B 271 -5.13 11.28 -22.35
N THR B 272 -5.05 10.28 -21.46
CA THR B 272 -5.69 8.99 -21.75
C THR B 272 -6.53 8.44 -20.57
#